data_6KTY
#
_entry.id   6KTY
#
_cell.length_a   97.811
_cell.length_b   97.811
_cell.length_c   83.057
_cell.angle_alpha   90.00
_cell.angle_beta   90.00
_cell.angle_gamma   90.00
#
_symmetry.space_group_name_H-M   'I 4 2 2'
#
loop_
_entity.id
_entity.type
_entity.pdbx_description
1 polymer 'Flagellar hook-associated protein 2'
2 water water
#
_entity_poly.entity_id   1
_entity_poly.type   'polypeptide(L)'
_entity_poly.pdbx_seq_one_letter_code
;GSHMASVDKKFLSGDPNIVDGQVDPGSAIPGDYAIEVVQLAQKPAAMSNGFPDKDQTQIGVGYIKFETPEGTKEVYINGS
NSTLDGVMKQINAANVGLKAQVVEDRKDQENPFKLLVSGLSTGNDSQVTFPKIYLLDGDQDMYFEESRKAQNAKVKVDGF
EIELPDNKSTDLVPGVTLDFKSAAPGREIRLSVKEN
;
_entity_poly.pdbx_strand_id   A
#
# COMPACT_ATOMS: atom_id res chain seq x y z
N PHE A 11 24.75 13.98 12.35
CA PHE A 11 23.62 13.10 12.80
C PHE A 11 23.98 11.62 12.79
N LEU A 12 23.79 10.95 13.93
CA LEU A 12 23.95 9.48 14.00
C LEU A 12 22.71 8.80 14.60
N SER A 13 22.29 7.71 13.94
CA SER A 13 21.24 6.86 14.47
C SER A 13 21.88 5.64 15.12
N GLY A 14 21.38 5.25 16.30
CA GLY A 14 21.79 4.02 16.94
C GLY A 14 21.50 2.79 16.08
N ASP A 15 20.49 2.87 15.22
CA ASP A 15 20.23 1.80 14.25
C ASP A 15 19.69 2.35 12.94
N PRO A 16 20.59 2.52 11.96
CA PRO A 16 20.17 3.07 10.65
C PRO A 16 19.19 2.19 9.90
N ASN A 17 19.05 0.92 10.29
CA ASN A 17 18.09 0.01 9.64
C ASN A 17 16.72 0.06 10.29
N ILE A 18 16.56 0.94 11.28
CA ILE A 18 15.22 1.25 11.81
C ILE A 18 14.87 2.70 11.51
N VAL A 19 15.77 3.61 11.85
CA VAL A 19 15.58 5.02 11.55
C VAL A 19 16.91 5.58 11.08
N ASP A 20 16.93 6.30 9.96
CA ASP A 20 18.12 7.02 9.55
C ASP A 20 17.69 8.43 9.18
N GLY A 21 18.65 9.26 8.79
CA GLY A 21 18.35 10.64 8.48
C GLY A 21 19.56 11.43 8.03
N GLN A 22 19.32 12.70 7.69
CA GLN A 22 20.36 13.61 7.21
C GLN A 22 20.09 15.06 7.65
N PRO A 30 21.32 20.27 18.55
CA PRO A 30 22.07 19.14 19.10
C PRO A 30 21.40 18.55 20.33
N GLY A 31 21.39 17.23 20.47
CA GLY A 31 20.71 16.60 21.59
C GLY A 31 20.70 15.09 21.58
N ASP A 32 19.86 14.54 22.47
CA ASP A 32 19.70 13.12 22.74
C ASP A 32 18.25 12.87 22.43
N TYR A 33 17.99 12.05 21.42
CA TYR A 33 16.64 11.85 20.91
C TYR A 33 16.27 10.37 20.99
N ALA A 34 15.11 10.07 21.57
CA ALA A 34 14.69 8.69 21.77
C ALA A 34 13.48 8.44 20.88
N ILE A 35 13.66 7.59 19.87
CA ILE A 35 12.61 7.32 18.87
C ILE A 35 12.42 5.84 18.72
N GLU A 36 11.15 5.45 18.79
CA GLU A 36 10.68 4.11 18.54
C GLU A 36 9.71 4.10 17.36
N VAL A 37 10.01 3.30 16.33
CA VAL A 37 9.04 3.13 15.23
C VAL A 37 8.12 1.96 15.56
N VAL A 38 6.89 2.26 15.97
CA VAL A 38 5.92 1.24 16.39
C VAL A 38 5.29 0.59 15.14
N GLN A 39 4.87 1.40 14.18
CA GLN A 39 4.27 0.86 12.94
C GLN A 39 4.63 1.80 11.81
N LEU A 40 4.96 1.27 10.65
CA LEU A 40 5.16 2.13 9.50
C LEU A 40 3.82 2.69 9.06
N ALA A 41 3.84 3.83 8.40
CA ALA A 41 2.63 4.30 7.70
C ALA A 41 2.25 3.29 6.60
N GLN A 42 0.94 3.07 6.40
CA GLN A 42 0.44 2.01 5.53
C GLN A 42 -0.35 2.63 4.36
N LYS A 43 -0.10 2.12 3.16
CA LYS A 43 -0.89 2.44 1.97
C LYS A 43 -2.21 1.71 2.01
N PRO A 44 -3.29 2.34 1.50
CA PRO A 44 -4.53 1.58 1.33
C PRO A 44 -4.27 0.54 0.23
N ALA A 45 -4.89 -0.62 0.30
CA ALA A 45 -4.65 -1.66 -0.70
C ALA A 45 -5.70 -2.73 -0.72
N ALA A 46 -5.78 -3.47 -1.83
CA ALA A 46 -6.75 -4.59 -1.91
C ALA A 46 -6.12 -5.71 -2.74
N MET A 47 -6.46 -6.93 -2.41
CA MET A 47 -5.86 -8.06 -3.14
C MET A 47 -6.94 -8.96 -3.64
N SER A 48 -6.84 -9.39 -4.89
CA SER A 48 -7.89 -10.28 -5.46
C SER A 48 -7.87 -11.70 -4.92
N ASN A 49 -8.97 -12.42 -5.16
CA ASN A 49 -8.97 -13.89 -5.18
C ASN A 49 -7.94 -14.46 -6.16
N GLY A 50 -7.63 -15.73 -6.00
CA GLY A 50 -6.57 -16.41 -6.77
C GLY A 50 -7.08 -16.87 -8.13
N PHE A 51 -6.18 -16.82 -9.12
CA PHE A 51 -6.48 -17.28 -10.47
C PHE A 51 -5.46 -18.31 -10.88
N PRO A 52 -5.86 -19.24 -11.78
CA PRO A 52 -4.92 -20.28 -12.16
C PRO A 52 -3.80 -19.78 -13.08
N ASP A 53 -3.96 -18.60 -13.64
CA ASP A 53 -2.98 -18.06 -14.56
C ASP A 53 -3.21 -16.55 -14.57
N LYS A 54 -2.25 -15.81 -15.13
CA LYS A 54 -2.38 -14.36 -15.20
C LYS A 54 -2.49 -13.88 -16.63
N ASP A 55 -2.51 -14.80 -17.58
CA ASP A 55 -2.41 -14.42 -18.99
C ASP A 55 -3.41 -15.11 -19.91
N GLN A 56 -4.39 -15.85 -19.36
CA GLN A 56 -5.38 -16.54 -20.19
C GLN A 56 -6.83 -16.37 -19.68
N THR A 57 -7.02 -16.57 -18.37
CA THR A 57 -8.35 -16.57 -17.78
C THR A 57 -8.79 -15.13 -17.74
N GLN A 58 -9.94 -14.86 -18.35
CA GLN A 58 -10.42 -13.50 -18.52
C GLN A 58 -11.43 -13.16 -17.44
N ILE A 59 -11.35 -11.95 -16.90
CA ILE A 59 -12.28 -11.53 -15.83
C ILE A 59 -13.51 -10.76 -16.32
N GLY A 60 -13.57 -10.48 -17.63
CA GLY A 60 -14.71 -9.83 -18.23
C GLY A 60 -14.51 -8.35 -18.62
N VAL A 61 -15.62 -7.72 -19.00
CA VAL A 61 -15.59 -6.35 -19.45
C VAL A 61 -16.47 -5.53 -18.52
N GLY A 62 -16.08 -4.29 -18.31
CA GLY A 62 -16.91 -3.36 -17.53
C GLY A 62 -15.98 -2.38 -16.88
N TYR A 63 -16.05 -2.29 -15.54
CA TYR A 63 -15.16 -1.41 -14.80
C TYR A 63 -14.93 -1.82 -13.34
N ILE A 64 -13.85 -1.29 -12.78
CA ILE A 64 -13.59 -1.43 -11.35
C ILE A 64 -13.64 -0.03 -10.74
N LYS A 65 -14.39 0.11 -9.65
CA LYS A 65 -14.59 1.39 -8.96
C LYS A 65 -13.60 1.58 -7.81
N PHE A 66 -13.02 2.77 -7.72
CA PHE A 66 -12.17 3.12 -6.57
C PHE A 66 -12.69 4.42 -5.99
N GLU A 67 -12.77 4.51 -4.66
CA GLU A 67 -13.09 5.80 -4.02
C GLU A 67 -11.77 6.29 -3.47
N THR A 68 -11.37 7.48 -3.90
CA THR A 68 -10.06 8.01 -3.56
C THR A 68 -10.18 9.42 -2.99
N PRO A 69 -9.08 9.91 -2.37
CA PRO A 69 -9.08 11.28 -1.88
C PRO A 69 -9.28 12.32 -3.00
N GLU A 70 -9.04 11.92 -4.25
CA GLU A 70 -9.25 12.78 -5.41
C GLU A 70 -10.65 12.55 -6.03
N GLY A 71 -11.48 11.76 -5.35
CA GLY A 71 -12.83 11.48 -5.80
C GLY A 71 -13.00 10.06 -6.31
N THR A 72 -14.19 9.79 -6.86
CA THR A 72 -14.53 8.48 -7.36
C THR A 72 -13.82 8.25 -8.67
N LYS A 73 -13.16 7.11 -8.79
CA LYS A 73 -12.46 6.76 -10.02
C LYS A 73 -12.98 5.41 -10.50
N GLU A 74 -13.34 5.35 -11.78
CA GLU A 74 -13.83 4.11 -12.37
C GLU A 74 -12.91 3.74 -13.51
N VAL A 75 -12.19 2.62 -13.37
CA VAL A 75 -11.23 2.16 -14.38
C VAL A 75 -11.92 1.13 -15.29
N TYR A 76 -11.92 1.43 -16.59
CA TYR A 76 -12.66 0.65 -17.59
C TYR A 76 -11.85 -0.57 -18.03
N ILE A 77 -12.45 -1.74 -17.84
CA ILE A 77 -11.80 -3.00 -18.24
C ILE A 77 -12.35 -3.49 -19.58
N ASN A 78 -11.46 -3.45 -20.56
CA ASN A 78 -11.75 -3.83 -21.89
C ASN A 78 -11.58 -5.36 -22.04
N GLY A 79 -12.64 -6.03 -22.50
CA GLY A 79 -12.59 -7.46 -22.77
C GLY A 79 -11.42 -7.88 -23.63
N SER A 80 -10.95 -6.98 -24.49
CA SER A 80 -9.76 -7.24 -25.32
C SER A 80 -8.66 -7.90 -24.54
N ASN A 81 -8.44 -7.42 -23.33
CA ASN A 81 -7.38 -7.92 -22.50
C ASN A 81 -7.70 -7.76 -21.00
N SER A 82 -8.58 -8.64 -20.53
CA SER A 82 -8.99 -8.68 -19.14
C SER A 82 -8.42 -9.90 -18.40
N THR A 83 -7.22 -10.33 -18.79
CA THR A 83 -6.44 -11.25 -17.98
C THR A 83 -5.96 -10.44 -16.76
N LEU A 84 -5.49 -11.12 -15.71
CA LEU A 84 -5.00 -10.40 -14.54
C LEU A 84 -3.90 -9.45 -14.98
N ASP A 85 -3.05 -9.92 -15.89
CA ASP A 85 -2.02 -9.07 -16.44
C ASP A 85 -2.56 -7.86 -17.20
N GLY A 86 -3.59 -8.06 -18.02
CA GLY A 86 -4.21 -6.92 -18.75
C GLY A 86 -4.84 -5.87 -17.84
N VAL A 87 -5.49 -6.35 -16.79
CA VAL A 87 -6.15 -5.50 -15.85
C VAL A 87 -5.13 -4.70 -15.05
N MET A 88 -4.09 -5.37 -14.59
CA MET A 88 -2.99 -4.68 -13.97
C MET A 88 -2.49 -3.58 -14.90
N LYS A 89 -2.22 -3.88 -16.17
CA LYS A 89 -1.65 -2.86 -17.06
C LYS A 89 -2.63 -1.67 -17.26
N GLN A 90 -3.94 -1.95 -17.35
CA GLN A 90 -4.98 -0.90 -17.55
C GLN A 90 -5.17 -0.03 -16.30
N ILE A 91 -5.10 -0.64 -15.12
CA ILE A 91 -5.12 0.12 -13.86
C ILE A 91 -3.90 1.01 -13.85
N ASN A 92 -2.72 0.48 -14.13
CA ASN A 92 -1.55 1.37 -14.09
C ASN A 92 -1.66 2.49 -15.15
N ALA A 93 -2.13 2.17 -16.36
CA ALA A 93 -2.18 3.17 -17.44
C ALA A 93 -3.25 4.22 -17.17
N ALA A 94 -4.26 3.90 -16.37
CA ALA A 94 -5.30 4.86 -16.02
C ALA A 94 -4.77 6.06 -15.24
N ASN A 95 -3.67 5.90 -14.51
CA ASN A 95 -3.07 7.02 -13.77
C ASN A 95 -4.04 7.62 -12.73
N VAL A 96 -4.70 6.78 -11.94
CA VAL A 96 -5.69 7.27 -10.98
C VAL A 96 -5.20 7.20 -9.51
N GLY A 97 -3.88 7.23 -9.32
CA GLY A 97 -3.26 7.20 -7.99
C GLY A 97 -3.08 5.80 -7.43
N LEU A 98 -3.18 4.78 -8.30
CA LEU A 98 -3.12 3.38 -7.91
C LEU A 98 -1.98 2.68 -8.64
N LYS A 99 -1.37 1.71 -7.98
CA LYS A 99 -0.32 0.89 -8.60
C LYS A 99 -0.76 -0.56 -8.46
N ALA A 100 -0.78 -1.30 -9.57
CA ALA A 100 -1.27 -2.66 -9.57
C ALA A 100 -0.09 -3.55 -9.88
N GLN A 101 -0.08 -4.73 -9.30
CA GLN A 101 0.84 -5.77 -9.75
C GLN A 101 0.21 -7.13 -9.55
N VAL A 102 0.72 -8.14 -10.23
CA VAL A 102 0.19 -9.49 -10.01
C VAL A 102 1.20 -10.27 -9.17
N VAL A 103 0.74 -10.85 -8.07
CA VAL A 103 1.63 -11.60 -7.21
C VAL A 103 1.21 -13.08 -7.27
N GLU A 104 2.12 -13.96 -6.85
CA GLU A 104 1.85 -15.38 -6.77
C GLU A 104 1.79 -15.78 -5.29
N ASP A 105 0.67 -16.36 -4.89
CA ASP A 105 0.45 -16.78 -3.52
C ASP A 105 0.11 -18.25 -3.50
N ARG A 106 1.05 -19.05 -3.00
CA ARG A 106 0.91 -20.52 -2.97
C ARG A 106 -0.03 -21.09 -1.92
N LYS A 107 -0.73 -20.23 -1.18
CA LYS A 107 -1.79 -20.67 -0.27
C LYS A 107 -2.80 -21.58 -1.00
N ASP A 108 -3.16 -21.20 -2.23
CA ASP A 108 -3.95 -22.05 -3.14
C ASP A 108 -3.09 -22.35 -4.35
N GLN A 109 -2.48 -23.55 -4.36
CA GLN A 109 -1.49 -23.96 -5.39
C GLN A 109 -2.12 -24.00 -6.78
N GLU A 110 -3.39 -24.37 -6.86
CA GLU A 110 -4.15 -24.39 -8.12
C GLU A 110 -4.49 -22.99 -8.64
N ASN A 111 -4.60 -21.99 -7.74
CA ASN A 111 -5.01 -20.63 -8.08
C ASN A 111 -4.09 -19.62 -7.42
N PRO A 112 -2.83 -19.61 -7.84
CA PRO A 112 -1.84 -18.86 -7.11
C PRO A 112 -1.81 -17.36 -7.48
N PHE A 113 -2.33 -16.96 -8.64
CA PHE A 113 -2.08 -15.58 -9.11
C PHE A 113 -3.13 -14.61 -8.55
N LYS A 114 -2.65 -13.51 -7.97
CA LYS A 114 -3.53 -12.48 -7.41
C LYS A 114 -3.19 -11.09 -7.84
N LEU A 115 -4.22 -10.27 -8.05
CA LEU A 115 -4.03 -8.87 -8.37
C LEU A 115 -3.95 -8.12 -7.05
N LEU A 116 -2.88 -7.36 -6.88
CA LEU A 116 -2.71 -6.47 -5.73
C LEU A 116 -2.80 -5.03 -6.22
N VAL A 117 -3.69 -4.25 -5.65
CA VAL A 117 -3.82 -2.85 -6.06
C VAL A 117 -3.57 -1.98 -4.78
N SER A 118 -2.64 -1.05 -4.85
CA SER A 118 -2.32 -0.23 -3.68
C SER A 118 -2.30 1.26 -4.03
N GLY A 119 -2.72 2.11 -3.08
CA GLY A 119 -2.59 3.56 -3.22
C GLY A 119 -1.12 3.89 -3.27
N LEU A 120 -0.79 5.08 -3.72
CA LEU A 120 0.61 5.50 -3.77
C LEU A 120 1.02 6.22 -2.49
N SER A 121 0.04 6.66 -1.68
CA SER A 121 0.33 7.42 -0.45
C SER A 121 -0.14 6.71 0.77
N THR A 122 0.61 6.90 1.84
CA THR A 122 0.30 6.35 3.15
C THR A 122 -0.46 7.40 3.95
N GLY A 123 -0.97 7.01 5.11
CA GLY A 123 -1.60 7.95 6.04
C GLY A 123 -3.11 7.87 6.03
N ASN A 124 -3.74 8.13 7.17
CA ASN A 124 -5.20 8.15 7.23
C ASN A 124 -5.91 9.03 6.24
N ASP A 125 -5.28 10.14 5.88
CA ASP A 125 -5.92 11.03 4.94
C ASP A 125 -5.82 10.62 3.48
N SER A 126 -5.08 9.54 3.19
CA SER A 126 -4.94 9.07 1.81
C SER A 126 -5.72 7.76 1.60
N GLN A 127 -6.89 7.67 2.22
CA GLN A 127 -7.70 6.48 2.14
C GLN A 127 -8.20 6.17 0.68
N VAL A 128 -8.21 4.88 0.32
CA VAL A 128 -8.79 4.36 -0.91
C VAL A 128 -9.69 3.18 -0.56
N THR A 129 -10.91 3.14 -1.07
CA THR A 129 -11.74 1.96 -0.88
C THR A 129 -12.08 1.37 -2.24
N PHE A 130 -12.55 0.12 -2.20
CA PHE A 130 -12.76 -0.70 -3.37
C PHE A 130 -14.17 -1.27 -3.30
N PRO A 131 -15.18 -0.45 -3.64
CA PRO A 131 -16.57 -0.75 -3.28
C PRO A 131 -17.36 -1.53 -4.33
N LYS A 132 -16.83 -1.67 -5.53
CA LYS A 132 -17.60 -2.26 -6.61
C LYS A 132 -16.69 -2.77 -7.71
N ILE A 133 -16.93 -4.01 -8.14
CA ILE A 133 -16.34 -4.54 -9.36
C ILE A 133 -17.53 -4.93 -10.24
N TYR A 134 -17.63 -4.32 -11.42
CA TYR A 134 -18.76 -4.57 -12.31
C TYR A 134 -18.20 -5.13 -13.61
N LEU A 135 -18.44 -6.43 -13.83
CA LEU A 135 -17.77 -7.16 -14.92
C LEU A 135 -18.69 -8.26 -15.42
N LEU A 136 -18.98 -8.22 -16.71
CA LEU A 136 -19.83 -9.20 -17.34
C LEU A 136 -18.98 -10.10 -18.21
N ASP A 137 -19.48 -11.31 -18.44
CA ASP A 137 -18.87 -12.30 -19.37
C ASP A 137 -17.44 -12.81 -19.02
N GLY A 138 -17.07 -12.77 -17.76
CA GLY A 138 -15.75 -13.27 -17.39
C GLY A 138 -15.73 -14.80 -17.34
N ASP A 139 -14.54 -15.37 -17.45
CA ASP A 139 -14.35 -16.82 -17.32
C ASP A 139 -14.46 -17.17 -15.85
N GLN A 140 -14.13 -16.21 -14.99
CA GLN A 140 -14.08 -16.42 -13.58
C GLN A 140 -14.33 -15.09 -12.87
N ASP A 141 -14.98 -15.17 -11.72
CA ASP A 141 -15.25 -14.01 -10.89
C ASP A 141 -13.98 -13.39 -10.31
N MET A 142 -13.81 -12.08 -10.47
CA MET A 142 -12.77 -11.36 -9.75
C MET A 142 -13.37 -10.54 -8.64
N TYR A 143 -12.76 -10.65 -7.47
CA TYR A 143 -13.18 -9.86 -6.34
C TYR A 143 -11.98 -9.62 -5.44
N PHE A 144 -12.06 -8.56 -4.67
CA PHE A 144 -11.06 -8.25 -3.67
C PHE A 144 -11.37 -9.04 -2.39
N GLU A 145 -10.64 -10.15 -2.19
CA GLU A 145 -10.84 -11.06 -1.06
C GLU A 145 -10.37 -10.36 0.23
N GLU A 146 -9.43 -9.45 0.08
CA GLU A 146 -8.90 -8.75 1.22
C GLU A 146 -8.63 -7.30 0.88
N SER A 147 -8.90 -6.38 1.81
CA SER A 147 -8.42 -5.00 1.65
C SER A 147 -7.85 -4.46 2.96
N ARG A 148 -7.03 -3.41 2.84
CA ARG A 148 -6.42 -2.74 3.98
C ARG A 148 -6.57 -1.21 3.87
N LYS A 149 -6.89 -0.58 4.99
CA LYS A 149 -7.08 0.84 5.02
C LYS A 149 -5.72 1.50 5.09
N ALA A 150 -5.64 2.70 4.57
CA ALA A 150 -4.46 3.54 4.76
C ALA A 150 -4.31 3.84 6.26
N GLN A 151 -3.07 3.88 6.73
CA GLN A 151 -2.82 4.21 8.14
C GLN A 151 -1.62 5.12 8.32
N ASN A 152 -1.68 5.89 9.41
CA ASN A 152 -0.57 6.67 9.86
C ASN A 152 0.54 5.74 10.43
N ALA A 153 1.78 6.22 10.33
CA ALA A 153 2.86 5.72 11.17
C ALA A 153 2.57 6.01 12.63
N LYS A 154 3.05 5.11 13.49
CA LYS A 154 2.99 5.33 14.92
C LYS A 154 4.42 5.31 15.37
N VAL A 155 4.84 6.39 16.01
CA VAL A 155 6.15 6.49 16.56
C VAL A 155 6.12 7.05 17.96
N LYS A 156 7.07 6.67 18.77
CA LYS A 156 7.20 7.25 20.07
C LYS A 156 8.40 8.18 20.14
N VAL A 157 8.17 9.38 20.65
CA VAL A 157 9.22 10.34 20.86
C VAL A 157 9.28 10.59 22.37
N ASP A 158 10.46 10.35 22.94
CA ASP A 158 10.66 10.32 24.40
C ASP A 158 9.51 9.57 25.13
N GLY A 159 9.08 8.46 24.53
CA GLY A 159 8.04 7.61 25.11
C GLY A 159 6.61 7.95 24.80
N PHE A 160 6.35 9.04 24.07
CA PHE A 160 4.99 9.42 23.71
C PHE A 160 4.67 8.99 22.31
N GLU A 161 3.58 8.23 22.14
CA GLU A 161 3.20 7.73 20.82
C GLU A 161 2.43 8.82 20.07
N ILE A 162 2.93 9.21 18.91
CA ILE A 162 2.24 10.15 18.04
C ILE A 162 2.09 9.51 16.66
N GLU A 163 1.21 10.08 15.87
CA GLU A 163 0.94 9.59 14.54
C GLU A 163 1.46 10.54 13.47
N LEU A 164 2.08 9.96 12.46
CA LEU A 164 2.59 10.69 11.30
C LEU A 164 1.96 10.14 10.01
N PRO A 165 1.72 11.02 9.04
CA PRO A 165 1.13 10.61 7.77
C PRO A 165 2.05 9.75 6.88
N ASP A 166 3.35 10.01 6.93
CA ASP A 166 4.35 9.38 6.08
C ASP A 166 5.44 8.73 6.94
N ASN A 167 6.34 8.00 6.27
CA ASN A 167 7.46 7.33 6.91
C ASN A 167 8.71 8.18 6.89
N LYS A 168 8.48 9.45 7.20
CA LYS A 168 9.53 10.44 7.34
C LYS A 168 9.06 11.54 8.27
N SER A 169 10.00 12.33 8.79
CA SER A 169 9.66 13.46 9.63
C SER A 169 10.80 14.48 9.64
N THR A 170 10.42 15.74 9.50
CA THR A 170 11.33 16.85 9.78
C THR A 170 11.08 17.45 11.18
N ASP A 171 10.04 16.99 11.90
CA ASP A 171 9.68 17.59 13.22
C ASP A 171 10.23 16.90 14.48
N LEU A 172 10.52 15.62 14.40
CA LEU A 172 10.94 14.87 15.60
C LEU A 172 12.33 15.21 16.10
N VAL A 173 13.24 15.42 15.16
CA VAL A 173 14.61 15.82 15.46
C VAL A 173 14.77 17.09 14.65
N PRO A 174 14.70 18.25 15.33
CA PRO A 174 14.73 19.52 14.60
C PRO A 174 16.03 19.69 13.83
N GLY A 175 15.91 20.00 12.53
CA GLY A 175 17.07 20.21 11.68
C GLY A 175 17.49 18.97 10.92
N VAL A 176 16.75 17.87 11.11
CA VAL A 176 17.03 16.63 10.42
C VAL A 176 15.77 16.08 9.75
N THR A 177 15.96 15.50 8.57
CA THR A 177 14.92 14.71 7.92
C THR A 177 15.17 13.24 8.25
N LEU A 178 14.24 12.67 9.02
CA LEU A 178 14.25 11.26 9.40
C LEU A 178 13.46 10.45 8.36
N ASP A 179 14.01 9.29 7.98
CA ASP A 179 13.30 8.29 7.20
C ASP A 179 13.19 7.00 8.00
N PHE A 180 11.96 6.52 8.24
CA PHE A 180 11.78 5.26 8.95
C PHE A 180 12.06 4.11 7.99
N LYS A 181 13.03 3.26 8.32
CA LYS A 181 13.40 2.12 7.44
C LYS A 181 12.66 0.81 7.75
N SER A 182 12.21 0.66 8.99
CA SER A 182 11.46 -0.53 9.41
C SER A 182 10.69 -0.24 10.65
N ALA A 183 9.64 -1.03 10.92
CA ALA A 183 8.90 -0.96 12.18
C ALA A 183 9.60 -1.87 13.18
N ALA A 184 9.76 -1.42 14.41
CA ALA A 184 10.39 -2.30 15.40
C ALA A 184 9.80 -2.01 16.75
N PRO A 185 8.55 -2.47 16.95
CA PRO A 185 7.85 -2.11 18.17
C PRO A 185 8.63 -2.58 19.37
N GLY A 186 8.75 -1.76 20.41
CA GLY A 186 9.51 -2.17 21.61
C GLY A 186 11.05 -2.03 21.50
N ARG A 187 11.52 -1.47 20.40
CA ARG A 187 12.94 -1.26 20.15
C ARG A 187 13.21 0.24 20.00
N GLU A 188 13.24 0.92 21.13
CA GLU A 188 13.58 2.32 21.19
C GLU A 188 15.03 2.51 20.74
N ILE A 189 15.22 3.46 19.85
CA ILE A 189 16.54 3.77 19.23
C ILE A 189 16.98 5.12 19.78
N ARG A 190 18.27 5.25 20.07
CA ARG A 190 18.82 6.53 20.45
C ARG A 190 19.51 7.18 19.23
N LEU A 191 19.22 8.47 19.01
CA LEU A 191 19.74 9.24 17.90
C LEU A 191 20.52 10.41 18.51
N SER A 192 21.57 10.85 17.84
CA SER A 192 22.28 12.07 18.29
C SER A 192 22.56 13.08 17.17
N VAL A 193 22.69 14.35 17.55
CA VAL A 193 23.00 15.42 16.61
C VAL A 193 24.00 16.40 17.22
#